data_7BD7
#
_entry.id   7BD7
#
_cell.length_a   180.910
_cell.length_b   180.910
_cell.length_c   180.910
_cell.angle_alpha   90.000
_cell.angle_beta   90.000
_cell.angle_gamma   90.000
#
_symmetry.space_group_name_H-M   'F 4 3 2'
#
loop_
_entity.id
_entity.type
_entity.pdbx_description
1 polymer 'Ferritin light chain'
2 non-polymer 'SODIUM ION'
3 non-polymer 'CADMIUM ION'
4 non-polymer GLYCEROL
5 non-polymer 'SULFATE ION'
6 non-polymer 'CHLORIDE ION'
7 non-polymer arsenoplatin-1
8 water water
#
_entity_poly.entity_id   1
_entity_poly.type   'polypeptide(L)'
_entity_poly.pdbx_seq_one_letter_code
;SSQIRQNYSTEVEAAVNRLVNLYLRASYTYLSLGFYFDRDDVALEGVCHFFRELAEEKREGAERLLKMQNQRGGRALFQD
LQKPSQDEWGTTLDAMKAAIVLEKSLNQALLDLHALGSAQADPHLCDFLESHFLDEEVKLIKKMGDHLTNIQRLVGSQAG
LGEYLFERLTLK
;
_entity_poly.pdbx_strand_id   A
#
# COMPACT_ATOMS: atom_id res chain seq x y z
N SER A 1 9.20 -26.71 -16.26
CA SER A 1 8.19 -25.83 -15.53
C SER A 1 7.05 -26.68 -14.92
N SER A 2 6.24 -26.04 -14.09
CA SER A 2 5.31 -26.78 -13.19
C SER A 2 4.49 -27.82 -13.94
N GLN A 3 4.15 -28.95 -13.27
CA GLN A 3 3.05 -29.88 -13.64
C GLN A 3 1.67 -29.16 -13.64
N ILE A 4 1.51 -28.04 -12.94
CA ILE A 4 0.18 -27.41 -12.78
C ILE A 4 0.05 -26.18 -13.70
N ARG A 5 1.15 -25.63 -14.15
CA ARG A 5 1.18 -24.31 -14.82
C ARG A 5 0.39 -24.36 -16.12
N GLN A 6 -0.53 -23.44 -16.28
CA GLN A 6 -1.39 -23.43 -17.48
C GLN A 6 -1.80 -22.00 -17.74
N ASN A 7 -1.49 -21.51 -18.93
CA ASN A 7 -1.84 -20.14 -19.37
C ASN A 7 -1.21 -19.07 -18.46
N TYR A 8 -0.03 -19.31 -17.93
CA TYR A 8 0.61 -18.37 -16.96
C TYR A 8 1.95 -17.95 -17.54
N SER A 9 1.99 -16.75 -18.11
CA SER A 9 3.17 -16.29 -18.86
C SER A 9 4.36 -16.01 -17.93
N THR A 10 5.57 -16.07 -18.49
CA THR A 10 6.76 -15.67 -17.74
C THR A 10 6.69 -14.16 -17.49
N GLU A 11 6.05 -13.37 -18.34
CA GLU A 11 5.94 -11.92 -18.12
C GLU A 11 5.09 -11.65 -16.88
N VAL A 12 3.96 -12.31 -16.73
CA VAL A 12 3.09 -12.10 -15.56
C VAL A 12 3.85 -12.63 -14.35
N GLU A 13 4.47 -13.82 -14.43
CA GLU A 13 5.17 -14.40 -13.25
C GLU A 13 6.18 -13.36 -12.70
N ALA A 14 6.96 -12.73 -13.58
CA ALA A 14 7.98 -11.73 -13.16
C ALA A 14 7.31 -10.48 -12.60
N ALA A 15 6.24 -10.01 -13.23
CA ALA A 15 5.54 -8.80 -12.76
C ALA A 15 4.94 -9.06 -11.38
N VAL A 16 4.44 -10.26 -11.12
CA VAL A 16 3.89 -10.62 -9.80
C VAL A 16 5.03 -10.54 -8.76
N ASN A 17 6.21 -11.09 -9.06
CA ASN A 17 7.36 -10.98 -8.13
C ASN A 17 7.66 -9.50 -7.86
N ARG A 18 7.63 -8.66 -8.86
CA ARG A 18 7.93 -7.22 -8.69
C ARG A 18 6.85 -6.58 -7.83
N LEU A 19 5.62 -6.99 -8.05
CA LEU A 19 4.49 -6.40 -7.27
C LEU A 19 4.60 -6.83 -5.79
N VAL A 20 5.02 -8.05 -5.50
CA VAL A 20 5.27 -8.49 -4.12
C VAL A 20 6.30 -7.54 -3.48
N ASN A 21 7.38 -7.27 -4.19
CA ASN A 21 8.45 -6.37 -3.67
C ASN A 21 7.82 -4.98 -3.38
N LEU A 22 6.99 -4.48 -4.27
CA LEU A 22 6.36 -3.15 -4.08
C LEU A 22 5.48 -3.18 -2.84
N TYR A 23 4.70 -4.24 -2.67
CA TYR A 23 3.80 -4.30 -1.49
C TYR A 23 4.61 -4.43 -0.20
N LEU A 24 5.68 -5.24 -0.21
CA LEU A 24 6.49 -5.35 1.01
C LEU A 24 7.22 -4.01 1.26
N ARG A 25 7.65 -3.32 0.24
CA ARG A 25 8.29 -1.98 0.43
C ARG A 25 7.28 -1.02 1.07
N ALA A 26 6.05 -1.08 0.60
CA ALA A 26 4.96 -0.22 1.13
C ALA A 26 4.72 -0.58 2.59
N SER A 27 4.65 -1.85 2.92
CA SER A 27 4.46 -2.30 4.32
C SER A 27 5.57 -1.71 5.18
N TYR A 28 6.82 -1.75 4.68
CA TYR A 28 7.97 -1.23 5.43
C TYR A 28 7.87 0.29 5.60
N THR A 29 7.41 1.00 4.59
CA THR A 29 7.20 2.47 4.67
C THR A 29 6.16 2.76 5.76
N TYR A 30 5.09 1.95 5.80
CA TYR A 30 4.01 2.20 6.80
C TYR A 30 4.51 1.85 8.21
N LEU A 31 5.38 0.87 8.35
CA LEU A 31 6.00 0.56 9.65
C LEU A 31 6.78 1.79 10.12
N SER A 32 7.56 2.44 9.25
CA SER A 32 8.36 3.62 9.60
C SER A 32 7.41 4.77 9.94
N LEU A 33 6.37 4.96 9.16
CA LEU A 33 5.41 6.04 9.45
C LEU A 33 4.80 5.82 10.83
N GLY A 34 4.37 4.60 11.13
CA GLY A 34 3.72 4.28 12.41
C GLY A 34 4.64 4.59 13.56
N PHE A 35 5.88 4.14 13.50
CA PHE A 35 6.76 4.34 14.66
C PHE A 35 7.18 5.80 14.74
N TYR A 36 7.20 6.56 13.66
CA TYR A 36 7.52 7.99 13.72
C TYR A 36 6.47 8.66 14.59
N PHE A 37 5.19 8.35 14.33
CA PHE A 37 4.06 8.97 15.09
C PHE A 37 4.02 8.50 16.55
N ASP A 38 4.71 7.44 16.92
CA ASP A 38 4.83 7.00 18.32
C ASP A 38 6.00 7.67 19.03
N ARG A 39 6.85 8.43 18.36
CA ARG A 39 7.97 9.16 19.02
C ARG A 39 7.38 10.05 20.13
N ASP A 40 8.11 10.21 21.23
CA ASP A 40 7.61 11.04 22.36
C ASP A 40 7.47 12.50 21.90
N ASP A 41 8.21 12.96 20.90
CA ASP A 41 8.17 14.35 20.38
C ASP A 41 7.23 14.50 19.17
N VAL A 42 6.46 13.47 18.89
CA VAL A 42 5.41 13.52 17.81
C VAL A 42 4.10 13.10 18.48
N ALA A 43 3.99 11.87 19.01
CA ALA A 43 2.97 11.44 19.99
C ALA A 43 1.55 11.69 19.43
N LEU A 44 1.24 11.08 18.32
CA LEU A 44 -0.14 11.06 17.79
C LEU A 44 -0.59 9.61 17.65
N GLU A 45 -1.11 9.03 18.71
CA GLU A 45 -1.39 7.58 18.78
C GLU A 45 -2.32 7.12 17.65
N GLY A 46 -3.37 7.87 17.36
CA GLY A 46 -4.31 7.52 16.27
C GLY A 46 -3.62 7.46 14.91
N VAL A 47 -2.67 8.35 14.69
CA VAL A 47 -1.91 8.38 13.41
C VAL A 47 -1.01 7.14 13.35
N CYS A 48 -0.33 6.83 14.46
CA CYS A 48 0.55 5.64 14.54
C CYS A 48 -0.28 4.38 14.26
N HIS A 49 -1.51 4.31 14.77
CA HIS A 49 -2.37 3.14 14.62
C HIS A 49 -2.84 3.00 13.18
N PHE A 50 -3.22 4.11 12.57
CA PHE A 50 -3.67 4.17 11.16
C PHE A 50 -2.55 3.56 10.30
N PHE A 51 -1.30 4.00 10.48
CA PHE A 51 -0.22 3.55 9.57
C PHE A 51 0.19 2.12 9.91
N ARG A 52 0.19 1.74 11.18
CA ARG A 52 0.53 0.35 11.54
C ARG A 52 -0.51 -0.59 10.95
N GLU A 53 -1.79 -0.24 10.98
CA GLU A 53 -2.81 -1.09 10.32
C GLU A 53 -2.53 -1.17 8.82
N LEU A 54 -2.10 -0.10 8.18
CA LEU A 54 -1.82 -0.17 6.72
C LEU A 54 -0.59 -1.04 6.48
N ALA A 55 0.40 -1.02 7.38
CA ALA A 55 1.58 -1.92 7.25
C ALA A 55 1.09 -3.37 7.19
N GLU A 56 0.17 -3.74 8.04
CA GLU A 56 -0.37 -5.11 8.08
C GLU A 56 -1.14 -5.39 6.76
N GLU A 57 -1.97 -4.46 6.29
CA GLU A 57 -2.73 -4.64 5.03
C GLU A 57 -1.77 -4.88 3.88
N LYS A 58 -0.69 -4.13 3.78
CA LYS A 58 0.20 -4.26 2.61
C LYS A 58 0.90 -5.59 2.70
N ARG A 59 1.33 -6.01 3.89
CA ARG A 59 1.96 -7.35 4.03
CA ARG A 59 1.94 -7.36 4.06
C ARG A 59 0.97 -8.45 3.62
N GLU A 60 -0.29 -8.30 4.01
CA GLU A 60 -1.32 -9.30 3.63
C GLU A 60 -1.49 -9.33 2.10
N GLY A 61 -1.40 -8.18 1.45
CA GLY A 61 -1.43 -8.06 -0.02
C GLY A 61 -0.31 -8.86 -0.63
N ALA A 62 0.92 -8.67 -0.14
CA ALA A 62 2.09 -9.42 -0.62
C ALA A 62 1.87 -10.91 -0.44
N GLU A 63 1.37 -11.33 0.70
CA GLU A 63 1.14 -12.75 1.00
C GLU A 63 0.08 -13.34 0.05
N ARG A 64 -0.95 -12.58 -0.28
CA ARG A 64 -1.99 -13.04 -1.22
C ARG A 64 -1.37 -13.23 -2.60
N LEU A 65 -0.51 -12.31 -3.03
CA LEU A 65 0.19 -12.39 -4.33
C LEU A 65 1.07 -13.63 -4.30
N LEU A 66 1.80 -13.89 -3.22
CA LEU A 66 2.68 -15.07 -3.17
C LEU A 66 1.86 -16.35 -3.23
N LYS A 67 0.74 -16.43 -2.52
CA LYS A 67 -0.11 -17.63 -2.56
C LYS A 67 -0.54 -17.86 -4.02
N MET A 68 -0.97 -16.79 -4.68
CA MET A 68 -1.46 -16.86 -6.09
C MET A 68 -0.35 -17.30 -7.01
N GLN A 69 0.88 -16.84 -6.81
CA GLN A 69 2.06 -17.23 -7.61
C GLN A 69 2.20 -18.76 -7.53
N ASN A 70 2.17 -19.30 -6.31
CA ASN A 70 2.30 -20.76 -6.14
C ASN A 70 1.08 -21.46 -6.73
N GLN A 71 -0.14 -20.92 -6.58
CA GLN A 71 -1.34 -21.61 -7.15
C GLN A 71 -1.25 -21.70 -8.67
N ARG A 72 -0.58 -20.77 -9.34
CA ARG A 72 -0.47 -20.76 -10.79
C ARG A 72 0.78 -21.55 -11.24
N GLY A 73 1.64 -21.97 -10.32
CA GLY A 73 2.86 -22.71 -10.70
C GLY A 73 4.03 -21.79 -11.07
N GLY A 74 3.94 -20.52 -10.75
CA GLY A 74 5.07 -19.61 -10.85
C GLY A 74 6.01 -19.80 -9.67
N ARG A 75 7.13 -19.10 -9.73
CA ARG A 75 8.15 -19.28 -8.67
C ARG A 75 8.40 -17.92 -7.99
N ALA A 76 8.12 -17.85 -6.72
CA ALA A 76 8.42 -16.63 -5.92
C ALA A 76 9.92 -16.38 -5.95
N LEU A 77 10.33 -15.14 -6.25
CA LEU A 77 11.72 -14.68 -6.19
C LEU A 77 11.69 -13.38 -5.41
N PHE A 78 12.46 -13.35 -4.31
CA PHE A 78 12.52 -12.19 -3.41
C PHE A 78 13.76 -11.38 -3.71
N GLN A 79 13.57 -10.08 -3.69
CA GLN A 79 14.71 -9.15 -3.89
C GLN A 79 14.88 -8.35 -2.60
N ASP A 80 15.98 -7.61 -2.55
CA ASP A 80 16.24 -6.67 -1.45
C ASP A 80 15.04 -5.75 -1.35
N LEU A 81 14.73 -5.36 -0.12
CA LEU A 81 13.66 -4.37 0.13
C LEU A 81 14.31 -3.01 0.43
N GLN A 82 14.09 -2.04 -0.44
CA GLN A 82 14.61 -0.67 -0.27
C GLN A 82 13.98 -0.10 1.00
N LYS A 83 14.78 0.64 1.73
CA LYS A 83 14.29 1.36 2.92
C LYS A 83 13.30 2.42 2.47
N PRO A 84 12.46 2.88 3.42
CA PRO A 84 11.53 3.96 3.09
C PRO A 84 12.22 5.25 2.68
N SER A 85 11.46 6.08 1.95
CA SER A 85 11.99 7.31 1.30
C SER A 85 12.45 8.37 2.31
N GLN A 86 11.92 8.37 3.52
CA GLN A 86 12.24 9.37 4.56
C GLN A 86 12.53 8.62 5.86
N ASP A 87 13.32 9.25 6.75
CA ASP A 87 13.54 8.82 8.14
C ASP A 87 12.56 9.53 9.09
N GLU A 88 12.13 10.72 8.72
CA GLU A 88 11.18 11.55 9.53
C GLU A 88 10.10 12.04 8.56
N TRP A 89 8.86 12.10 9.00
CA TRP A 89 7.72 12.21 8.08
C TRP A 89 6.96 13.51 8.26
N GLY A 90 7.49 14.45 9.07
CA GLY A 90 6.87 15.79 9.19
C GLY A 90 5.54 15.77 9.94
N THR A 91 4.57 16.52 9.44
CA THR A 91 3.26 16.62 10.11
C THR A 91 2.33 15.49 9.66
N THR A 92 1.18 15.38 10.31
CA THR A 92 0.13 14.47 9.80
C THR A 92 -0.19 14.75 8.33
N LEU A 93 -0.26 16.02 7.94
CA LEU A 93 -0.56 16.37 6.55
C LEU A 93 0.55 15.84 5.63
N ASP A 94 1.81 16.08 5.97
CA ASP A 94 2.95 15.62 5.15
C ASP A 94 2.84 14.10 4.99
N ALA A 95 2.58 13.42 6.10
CA ALA A 95 2.56 11.94 6.14
C ALA A 95 1.43 11.40 5.26
N MET A 96 0.24 12.00 5.38
CA MET A 96 -0.94 11.54 4.61
C MET A 96 -0.69 11.82 3.12
N LYS A 97 -0.01 12.90 2.78
CA LYS A 97 0.35 13.17 1.35
C LYS A 97 1.31 12.08 0.85
N ALA A 98 2.33 11.76 1.65
CA ALA A 98 3.29 10.70 1.28
C ALA A 98 2.53 9.38 1.12
N ALA A 99 1.55 9.07 1.98
CA ALA A 99 0.79 7.81 1.92
C ALA A 99 -0.06 7.78 0.64
N ILE A 100 -0.73 8.86 0.27
CA ILE A 100 -1.61 8.81 -0.93
C ILE A 100 -0.73 8.68 -2.18
N VAL A 101 0.45 9.29 -2.21
CA VAL A 101 1.40 9.10 -3.35
C VAL A 101 1.83 7.63 -3.44
N LEU A 102 2.12 7.01 -2.32
N LEU A 102 2.16 7.06 -2.30
CA LEU A 102 2.51 5.57 -2.27
CA LEU A 102 2.50 5.63 -2.17
C LEU A 102 1.34 4.69 -2.70
C LEU A 102 1.35 4.78 -2.73
N GLU A 103 0.11 4.99 -2.26
CA GLU A 103 -1.04 4.16 -2.69
C GLU A 103 -1.28 4.33 -4.20
N LYS A 104 -1.20 5.53 -4.73
CA LYS A 104 -1.37 5.76 -6.19
C LYS A 104 -0.31 4.97 -6.94
N SER A 105 0.92 4.90 -6.43
N SER A 105 0.92 4.92 -6.43
CA SER A 105 1.97 4.10 -7.11
CA SER A 105 1.99 4.13 -7.09
C SER A 105 1.61 2.60 -7.08
C SER A 105 1.62 2.63 -7.07
N LEU A 106 1.08 2.09 -5.98
CA LEU A 106 0.67 0.68 -5.93
C LEU A 106 -0.50 0.48 -6.91
N ASN A 107 -1.46 1.39 -6.90
CA ASN A 107 -2.62 1.33 -7.83
C ASN A 107 -2.12 1.28 -9.26
N GLN A 108 -1.19 2.16 -9.61
CA GLN A 108 -0.71 2.17 -11.01
C GLN A 108 0.00 0.83 -11.33
N ALA A 109 0.72 0.25 -10.37
CA ALA A 109 1.37 -1.07 -10.57
C ALA A 109 0.29 -2.14 -10.75
N LEU A 110 -0.82 -2.07 -9.99
CA LEU A 110 -1.94 -3.01 -10.20
C LEU A 110 -2.54 -2.86 -11.60
N LEU A 111 -2.73 -1.62 -12.05
CA LEU A 111 -3.38 -1.38 -13.35
C LEU A 111 -2.44 -1.85 -14.43
N ASP A 112 -1.13 -1.64 -14.25
CA ASP A 112 -0.13 -2.11 -15.25
C ASP A 112 -0.18 -3.64 -15.33
N LEU A 113 -0.27 -4.33 -14.20
CA LEU A 113 -0.31 -5.82 -14.21
C LEU A 113 -1.61 -6.26 -14.84
N HIS A 114 -2.72 -5.58 -14.56
CA HIS A 114 -4.01 -5.93 -15.16
C HIS A 114 -3.90 -5.83 -16.69
N ALA A 115 -3.25 -4.78 -17.19
CA ALA A 115 -3.10 -4.55 -18.65
C ALA A 115 -2.23 -5.66 -19.23
N LEU A 116 -1.16 -6.03 -18.54
CA LEU A 116 -0.28 -7.16 -18.97
C LEU A 116 -1.13 -8.43 -19.04
N GLY A 117 -1.90 -8.73 -18.00
CA GLY A 117 -2.75 -9.95 -17.99
C GLY A 117 -3.72 -9.96 -19.16
N SER A 118 -4.28 -8.80 -19.45
CA SER A 118 -5.20 -8.62 -20.58
C SER A 118 -4.47 -8.90 -21.89
N ALA A 119 -3.28 -8.33 -22.10
CA ALA A 119 -2.46 -8.55 -23.31
C ALA A 119 -2.10 -10.05 -23.42
N GLN A 120 -1.85 -10.74 -22.31
CA GLN A 120 -1.46 -12.19 -22.27
C GLN A 120 -2.70 -13.10 -22.24
N ALA A 121 -3.92 -12.56 -22.28
CA ALA A 121 -5.19 -13.31 -22.20
C ALA A 121 -5.17 -14.24 -20.98
N ASP A 122 -4.99 -13.66 -19.78
CA ASP A 122 -4.94 -14.40 -18.50
C ASP A 122 -6.10 -13.99 -17.61
N PRO A 123 -7.31 -14.54 -17.80
CA PRO A 123 -8.46 -14.06 -17.05
C PRO A 123 -8.39 -14.41 -15.58
N HIS A 124 -7.67 -15.48 -15.20
CA HIS A 124 -7.55 -15.78 -13.76
C HIS A 124 -6.81 -14.62 -13.09
N LEU A 125 -5.76 -14.11 -13.72
CA LEU A 125 -5.00 -12.97 -13.11
C LEU A 125 -5.93 -11.76 -13.03
N CYS A 126 -6.68 -11.45 -14.09
CA CYS A 126 -7.52 -10.24 -14.15
C CYS A 126 -8.55 -10.35 -13.03
N ASP A 127 -9.20 -11.49 -12.85
CA ASP A 127 -10.19 -11.79 -11.78
C ASP A 127 -9.53 -11.63 -10.42
N PHE A 128 -8.36 -12.22 -10.23
CA PHE A 128 -7.65 -12.12 -8.94
C PHE A 128 -7.44 -10.64 -8.54
N LEU A 129 -6.97 -9.82 -9.46
CA LEU A 129 -6.66 -8.42 -9.17
C LEU A 129 -7.97 -7.68 -8.89
N GLU A 130 -8.99 -7.98 -9.67
CA GLU A 130 -10.29 -7.25 -9.52
C GLU A 130 -10.91 -7.58 -8.18
N SER A 131 -10.85 -8.85 -7.77
CA SER A 131 -11.48 -9.41 -6.56
C SER A 131 -10.77 -8.95 -5.31
N HIS A 132 -9.43 -8.90 -5.31
CA HIS A 132 -8.69 -8.76 -4.04
C HIS A 132 -7.94 -7.43 -3.93
N PHE A 133 -7.77 -6.68 -5.03
CA PHE A 133 -6.85 -5.52 -4.98
C PHE A 133 -7.49 -4.22 -5.48
N LEU A 134 -8.09 -4.23 -6.66
CA LEU A 134 -8.44 -2.95 -7.33
C LEU A 134 -9.46 -2.19 -6.50
N ASP A 135 -10.53 -2.84 -6.02
CA ASP A 135 -11.59 -2.11 -5.27
C ASP A 135 -11.06 -1.66 -3.91
N GLU A 136 -10.22 -2.47 -3.24
CA GLU A 136 -9.63 -2.14 -1.91
C GLU A 136 -8.76 -0.89 -2.08
N GLU A 137 -7.99 -0.81 -3.16
CA GLU A 137 -7.08 0.31 -3.42
C GLU A 137 -7.92 1.57 -3.66
N VAL A 138 -8.97 1.48 -4.48
CA VAL A 138 -9.83 2.68 -4.72
C VAL A 138 -10.43 3.17 -3.40
N LYS A 139 -10.94 2.27 -2.60
CA LYS A 139 -11.60 2.64 -1.30
C LYS A 139 -10.56 3.31 -0.37
N LEU A 140 -9.36 2.77 -0.34
CA LEU A 140 -8.29 3.31 0.54
C LEU A 140 -7.87 4.71 0.06
N ILE A 141 -7.66 4.93 -1.23
CA ILE A 141 -7.28 6.21 -1.80
C ILE A 141 -8.40 7.24 -1.47
N LYS A 142 -9.64 6.86 -1.63
CA LYS A 142 -10.77 7.78 -1.31
C LYS A 142 -10.73 8.18 0.19
N LYS A 143 -10.51 7.21 1.05
CA LYS A 143 -10.40 7.47 2.53
C LYS A 143 -9.25 8.42 2.78
N MET A 144 -8.09 8.20 2.16
CA MET A 144 -6.95 9.10 2.34
C MET A 144 -7.23 10.49 1.80
N GLY A 145 -7.92 10.60 0.66
CA GLY A 145 -8.32 11.91 0.14
C GLY A 145 -9.24 12.64 1.16
N ASP A 146 -10.20 11.91 1.72
CA ASP A 146 -11.11 12.47 2.75
C ASP A 146 -10.27 12.97 3.94
N HIS A 147 -9.33 12.13 4.39
CA HIS A 147 -8.44 12.56 5.51
C HIS A 147 -7.67 13.81 5.12
N LEU A 148 -7.03 13.84 3.96
CA LEU A 148 -6.23 15.02 3.54
C LEU A 148 -7.09 16.29 3.58
N THR A 149 -8.32 16.20 3.06
CA THR A 149 -9.22 17.36 3.05
C THR A 149 -9.48 17.82 4.50
N ASN A 150 -9.76 16.89 5.39
CA ASN A 150 -10.08 17.23 6.79
C ASN A 150 -8.84 17.80 7.51
N ILE A 151 -7.66 17.21 7.24
CA ILE A 151 -6.45 17.71 7.88
C ILE A 151 -6.18 19.12 7.40
N GLN A 152 -6.29 19.37 6.10
CA GLN A 152 -5.99 20.68 5.51
C GLN A 152 -6.99 21.71 6.04
N ARG A 153 -8.24 21.32 6.19
CA ARG A 153 -9.25 22.26 6.71
C ARG A 153 -8.88 22.65 8.14
N LEU A 154 -8.30 21.74 8.92
CA LEU A 154 -7.98 21.94 10.36
C LEU A 154 -6.68 22.69 10.55
N VAL A 155 -5.68 22.48 9.73
CA VAL A 155 -4.33 22.98 10.07
C VAL A 155 -4.14 24.28 9.33
N GLY A 156 -5.03 24.59 8.39
CA GLY A 156 -5.11 25.96 7.85
C GLY A 156 -5.50 26.88 8.97
N SER A 157 -6.52 26.45 9.73
CA SER A 157 -7.12 27.19 10.87
C SER A 157 -6.05 27.47 11.94
N GLN A 158 -5.42 26.44 12.51
CA GLN A 158 -4.55 26.56 13.72
C GLN A 158 -3.78 25.25 13.86
N ALA A 159 -2.52 25.21 13.45
CA ALA A 159 -1.89 23.94 12.98
C ALA A 159 -1.85 22.89 14.11
N GLY A 160 -1.28 23.20 15.26
CA GLY A 160 -1.09 22.19 16.33
C GLY A 160 -2.42 21.70 16.87
N LEU A 161 -3.31 22.62 17.15
CA LEU A 161 -4.68 22.29 17.62
C LEU A 161 -5.41 21.45 16.58
N GLY A 162 -5.30 21.81 15.31
CA GLY A 162 -5.99 21.04 14.27
C GLY A 162 -5.45 19.64 14.14
N GLU A 163 -4.14 19.45 14.29
CA GLU A 163 -3.56 18.09 14.21
C GLU A 163 -4.01 17.21 15.39
N TYR A 164 -4.12 17.82 16.57
CA TYR A 164 -4.61 17.12 17.79
C TYR A 164 -6.05 16.69 17.55
N LEU A 165 -6.89 17.64 17.10
CA LEU A 165 -8.33 17.33 16.97
C LEU A 165 -8.59 16.23 15.94
N PHE A 166 -7.83 16.22 14.86
CA PHE A 166 -8.01 15.23 13.78
C PHE A 166 -7.67 13.86 14.35
N GLU A 167 -6.54 13.79 15.10
CA GLU A 167 -6.12 12.51 15.70
C GLU A 167 -7.14 11.98 16.73
N ARG A 168 -7.72 12.87 17.54
CA ARG A 168 -8.63 12.51 18.63
C ARG A 168 -10.00 12.15 18.06
N LEU A 169 -10.47 12.91 17.06
CA LEU A 169 -11.90 12.82 16.68
C LEU A 169 -12.13 12.10 15.35
N THR A 170 -11.09 11.92 14.53
CA THR A 170 -11.24 11.07 13.33
C THR A 170 -10.51 9.75 13.52
N LEU A 171 -9.23 9.77 13.95
CA LEU A 171 -8.41 8.53 13.96
C LEU A 171 -8.56 7.76 15.28
N LYS A 172 -8.35 6.45 15.24
CA LYS A 172 -8.25 5.56 16.44
C LYS A 172 -7.75 4.17 16.01
#